data_9LT5
#
_entry.id   9LT5
#
_cell.length_a   47.133
_cell.length_b   48.389
_cell.length_c   75.301
_cell.angle_alpha   90.00
_cell.angle_beta   93.33
_cell.angle_gamma   90.00
#
_symmetry.space_group_name_H-M   'P 1 21 1'
#
loop_
_entity.id
_entity.type
_entity.pdbx_description
1 polymer '2-nitropropane dioxygenase'
2 non-polymer 'IRON/SULFUR CLUSTER'
3 non-polymer 3-methoxy-N-[5-[(3-methylphenyl)sulfamoyl]-1,3,4-thiadiazol-2-yl]benzamide
4 non-polymer 'FLAVIN MONONUCLEOTIDE'
5 water water
#
_entity_poly.entity_id   1
_entity_poly.type   'polypeptide(L)'
_entity_poly.pdbx_seq_one_letter_code
;MVSTLKPLKIGKHTIKFPIFQGGMGVGISWDELAGNVAKEGALGVISAVGTGYYKNMRFVERIVAKKPFEALNFYSKKAL
NEIFANARKICGNNPLGANILYAINDYGRVLRDSCEAGANIIITGAGLPTNMPEFAKDFSDVALIPIISSAKALKILCKR
WSDRYKRIPDAFIVEGPLSGGHQGFKYEDCFKEEFRLENLVPKVVEASKEWGNIPIIAAGGIWDRKDIDTMLSLGASGVQ
MATRFLGTKECDAKVYADLLPTLKKEDILLIKSPVGYPARAINTGVIKRIEEGNAPKIACVSNCVAPCNRGEEAKKVGYC
IADGLGRSYLGNREEGLYFTGANGYRVDKIISVHELIKELTEG
;
_entity_poly.pdbx_strand_id   A
#
loop_
_chem_comp.id
_chem_comp.type
_chem_comp.name
_chem_comp.formula
A1ELE non-polymer 3-methoxy-N-[5-[(3-methylphenyl)sulfamoyl]-1,3,4-thiadiazol-2-yl]benzamide 'C17 H16 N4 O4 S2'
FMN non-polymer 'FLAVIN MONONUCLEOTIDE' 'C17 H21 N4 O9 P'
SF4 non-polymer 'IRON/SULFUR CLUSTER' 'Fe4 S4'
#
# COMPACT_ATOMS: atom_id res chain seq x y z
N MET A 1 2.52 -22.78 14.30
CA MET A 1 1.17 -23.03 14.79
C MET A 1 0.94 -22.39 16.15
N VAL A 2 1.88 -22.58 17.08
CA VAL A 2 1.81 -21.93 18.38
C VAL A 2 2.53 -20.59 18.29
N SER A 3 1.84 -19.52 18.68
CA SER A 3 2.38 -18.18 18.67
C SER A 3 1.96 -17.49 19.96
N THR A 4 2.81 -16.57 20.43
CA THR A 4 2.43 -15.72 21.55
C THR A 4 1.85 -14.40 21.09
N LEU A 5 1.81 -14.14 19.78
CA LEU A 5 1.10 -12.98 19.26
C LEU A 5 -0.41 -13.19 19.40
N LYS A 6 -1.12 -12.14 19.77
CA LYS A 6 -2.53 -12.30 20.06
C LYS A 6 -3.40 -11.67 18.97
N PRO A 7 -4.61 -12.21 18.76
CA PRO A 7 -5.46 -11.70 17.69
C PRO A 7 -5.77 -10.21 17.84
N LEU A 8 -6.01 -9.56 16.71
CA LEU A 8 -6.19 -8.12 16.65
C LEU A 8 -7.58 -7.78 16.17
N LYS A 9 -8.28 -6.94 16.92
CA LYS A 9 -9.61 -6.47 16.55
C LYS A 9 -9.50 -5.13 15.85
N ILE A 10 -10.10 -5.04 14.67
CA ILE A 10 -10.19 -3.79 13.90
C ILE A 10 -11.66 -3.61 13.56
N GLY A 11 -12.31 -2.65 14.21
CA GLY A 11 -13.75 -2.52 14.07
C GLY A 11 -14.42 -3.81 14.48
N LYS A 12 -15.32 -4.31 13.62
CA LYS A 12 -16.03 -5.55 13.86
C LYS A 12 -15.27 -6.78 13.39
N HIS A 13 -14.04 -6.61 12.90
CA HIS A 13 -13.28 -7.71 12.32
C HIS A 13 -12.16 -8.12 13.27
N THR A 14 -11.76 -9.38 13.16
CA THR A 14 -10.65 -9.91 13.94
C THR A 14 -9.71 -10.65 13.01
N ILE A 15 -8.42 -10.41 13.17
CA ILE A 15 -7.38 -11.14 12.44
C ILE A 15 -6.56 -11.94 13.43
N LYS A 16 -6.23 -13.19 13.06
CA LYS A 16 -5.54 -14.08 13.96
C LYS A 16 -4.22 -13.49 14.44
N PHE A 17 -3.47 -12.86 13.55
CA PHE A 17 -2.18 -12.29 13.88
C PHE A 17 -2.19 -10.78 13.68
N PRO A 18 -1.52 -10.01 14.54
CA PRO A 18 -1.50 -8.55 14.42
C PRO A 18 -0.57 -8.05 13.32
N ILE A 19 -0.75 -8.57 12.11
CA ILE A 19 0.10 -8.26 10.97
C ILE A 19 -0.80 -7.90 9.79
N PHE A 20 -0.53 -6.73 9.20
CA PHE A 20 -1.08 -6.37 7.88
C PHE A 20 -0.01 -6.64 6.83
N GLN A 21 -0.42 -7.24 5.71
CA GLN A 21 0.39 -7.19 4.51
C GLN A 21 0.04 -5.88 3.80
N GLY A 22 1.00 -4.96 3.73
CA GLY A 22 0.70 -3.65 3.18
C GLY A 22 0.32 -3.73 1.72
N GLY A 23 -0.61 -2.86 1.32
CA GLY A 23 -1.01 -2.79 -0.07
C GLY A 23 0.09 -2.26 -0.95
N MET A 24 0.14 -2.75 -2.18
CA MET A 24 1.21 -2.42 -3.12
C MET A 24 0.65 -2.36 -4.54
N GLY A 25 0.74 -1.18 -5.16
CA GLY A 25 0.38 -1.04 -6.56
C GLY A 25 1.61 -0.82 -7.42
N VAL A 26 1.51 -1.06 -8.73
CA VAL A 26 0.28 -1.53 -9.37
C VAL A 26 0.37 -3.03 -9.65
N GLY A 27 -0.68 -3.76 -9.27
CA GLY A 27 -0.72 -5.18 -9.55
C GLY A 27 0.23 -6.00 -8.71
N ILE A 28 0.69 -5.46 -7.59
CA ILE A 28 1.63 -6.19 -6.74
C ILE A 28 0.92 -6.99 -5.67
N SER A 29 -0.01 -6.37 -4.94
CA SER A 29 -0.83 -7.09 -3.96
C SER A 29 -2.25 -7.20 -4.50
N TRP A 30 -2.49 -8.23 -5.31
CA TRP A 30 -3.85 -8.52 -5.77
C TRP A 30 -4.29 -9.89 -5.23
N ASP A 31 -4.94 -10.71 -6.05
CA ASP A 31 -5.70 -11.83 -5.48
C ASP A 31 -4.80 -12.93 -4.90
N GLU A 32 -3.73 -13.31 -5.60
CA GLU A 32 -2.90 -14.39 -5.09
C GLU A 32 -2.24 -14.03 -3.76
N LEU A 33 -1.61 -12.85 -3.70
CA LEU A 33 -0.91 -12.43 -2.49
C LEU A 33 -1.89 -12.21 -1.34
N ALA A 34 -2.85 -11.30 -1.52
CA ALA A 34 -3.76 -10.97 -0.43
C ALA A 34 -4.57 -12.18 0.00
N GLY A 35 -4.99 -13.00 -0.97
CA GLY A 35 -5.74 -14.20 -0.63
C GLY A 35 -4.94 -15.14 0.26
N ASN A 36 -3.68 -15.39 -0.10
CA ASN A 36 -2.91 -16.32 0.71
C ASN A 36 -2.55 -15.71 2.07
N VAL A 37 -2.29 -14.40 2.11
CA VAL A 37 -2.02 -13.75 3.39
C VAL A 37 -3.21 -13.91 4.32
N ALA A 38 -4.41 -13.59 3.84
CA ALA A 38 -5.60 -13.74 4.69
C ALA A 38 -5.82 -15.20 5.08
N LYS A 39 -5.55 -16.12 4.15
CA LYS A 39 -5.65 -17.54 4.47
C LYS A 39 -4.74 -17.91 5.64
N GLU A 40 -3.59 -17.23 5.78
CA GLU A 40 -2.67 -17.54 6.87
C GLU A 40 -3.07 -16.92 8.21
N GLY A 41 -4.08 -16.05 8.24
CA GLY A 41 -4.50 -15.44 9.47
C GLY A 41 -4.06 -14.01 9.68
N ALA A 42 -3.33 -13.43 8.73
CA ALA A 42 -3.00 -12.02 8.75
C ALA A 42 -4.02 -11.28 7.87
N LEU A 43 -3.89 -9.95 7.82
CA LEU A 43 -4.76 -9.13 6.98
C LEU A 43 -4.15 -9.05 5.59
N GLY A 44 -4.79 -9.71 4.62
CA GLY A 44 -4.44 -9.49 3.23
C GLY A 44 -5.08 -8.20 2.73
N VAL A 45 -4.31 -7.41 2.00
CA VAL A 45 -4.76 -6.10 1.53
C VAL A 45 -4.65 -6.07 0.02
N ILE A 46 -5.76 -5.80 -0.65
CA ILE A 46 -5.81 -5.69 -2.10
C ILE A 46 -5.63 -4.23 -2.48
N SER A 47 -4.69 -3.95 -3.39
CA SER A 47 -4.52 -2.58 -3.87
C SER A 47 -5.55 -2.29 -4.96
N ALA A 48 -6.32 -1.22 -4.76
CA ALA A 48 -7.33 -0.80 -5.73
C ALA A 48 -6.77 0.14 -6.78
N VAL A 49 -5.45 0.33 -6.80
CA VAL A 49 -4.80 1.29 -7.68
C VAL A 49 -4.42 0.59 -8.99
N GLY A 50 -4.83 1.17 -10.11
CA GLY A 50 -4.44 0.63 -11.39
C GLY A 50 -5.02 -0.74 -11.70
N THR A 51 -6.18 -1.06 -11.13
CA THR A 51 -6.81 -2.35 -11.39
C THR A 51 -7.20 -2.52 -12.85
N GLY A 52 -7.23 -1.44 -13.63
CA GLY A 52 -7.47 -1.59 -15.06
C GLY A 52 -6.43 -2.45 -15.76
N TYR A 53 -5.21 -2.46 -15.24
CA TYR A 53 -4.15 -3.28 -15.83
C TYR A 53 -4.35 -4.78 -15.57
N TYR A 54 -5.24 -5.14 -14.65
CA TYR A 54 -5.42 -6.54 -14.27
C TYR A 54 -5.67 -7.43 -15.48
N LYS A 55 -4.85 -8.47 -15.62
CA LYS A 55 -4.94 -9.41 -16.74
C LYS A 55 -4.88 -8.67 -18.08
N ASN A 56 -3.99 -7.69 -18.17
CA ASN A 56 -3.73 -6.93 -19.39
C ASN A 56 -5.02 -6.27 -19.90
N MET A 57 -5.57 -5.40 -19.05
CA MET A 57 -6.74 -4.58 -19.40
C MET A 57 -7.95 -5.44 -19.75
N ARG A 58 -8.09 -6.57 -19.05
CA ARG A 58 -9.25 -7.43 -19.24
C ARG A 58 -10.56 -6.68 -19.02
N PHE A 59 -10.60 -5.79 -18.02
CA PHE A 59 -11.83 -5.10 -17.68
C PHE A 59 -11.74 -3.59 -17.84
N VAL A 60 -11.35 -3.12 -19.02
CA VAL A 60 -11.41 -1.70 -19.32
C VAL A 60 -12.29 -1.50 -20.55
N GLU A 61 -13.01 -0.38 -20.57
CA GLU A 61 -13.89 -0.10 -21.69
C GLU A 61 -13.14 0.56 -22.85
N ARG A 62 -12.02 1.23 -22.58
CA ARG A 62 -11.26 1.89 -23.63
C ARG A 62 -9.78 1.85 -23.29
N ILE A 63 -8.96 1.55 -24.30
CA ILE A 63 -7.51 1.51 -24.20
C ILE A 63 -6.93 2.53 -25.17
N VAL A 64 -5.93 3.27 -24.72
CA VAL A 64 -5.16 4.16 -25.58
C VAL A 64 -3.68 3.88 -25.35
N ALA A 65 -2.96 3.59 -26.43
CA ALA A 65 -1.52 3.37 -26.37
C ALA A 65 -1.17 2.29 -25.35
N LYS A 66 -2.00 1.25 -25.29
CA LYS A 66 -1.84 0.13 -24.37
C LYS A 66 -1.94 0.56 -22.92
N LYS A 67 -2.77 1.56 -22.63
CA LYS A 67 -3.00 2.05 -21.28
C LYS A 67 -4.50 2.20 -21.04
N PRO A 68 -4.95 1.95 -19.81
CA PRO A 68 -6.37 2.18 -19.49
C PRO A 68 -6.73 3.65 -19.63
N PHE A 69 -7.81 3.92 -20.35
CA PHE A 69 -8.20 5.30 -20.65
C PHE A 69 -8.97 5.89 -19.47
N GLU A 70 -8.38 6.93 -18.87
CA GLU A 70 -9.00 7.74 -17.82
C GLU A 70 -9.18 6.98 -16.51
N ALA A 71 -9.56 7.71 -15.45
CA ALA A 71 -9.57 7.14 -14.11
C ALA A 71 -10.63 6.07 -13.96
N LEU A 72 -11.72 6.15 -14.72
CA LEU A 72 -12.75 5.13 -14.61
C LEU A 72 -12.24 3.77 -15.07
N ASN A 73 -11.28 3.74 -15.99
CA ASN A 73 -10.68 2.47 -16.40
C ASN A 73 -9.41 2.14 -15.63
N PHE A 74 -8.63 3.15 -15.22
CA PHE A 74 -7.45 2.88 -14.40
C PHE A 74 -7.86 2.27 -13.07
N TYR A 75 -8.88 2.82 -12.43
CA TYR A 75 -9.47 2.25 -11.21
C TYR A 75 -10.74 1.52 -11.62
N SER A 76 -10.57 0.28 -12.10
CA SER A 76 -11.65 -0.44 -12.75
C SER A 76 -12.47 -1.23 -11.73
N LYS A 77 -13.77 -0.94 -11.68
CA LYS A 77 -14.64 -1.59 -10.70
C LYS A 77 -14.77 -3.08 -10.95
N LYS A 78 -14.94 -3.48 -12.22
CA LYS A 78 -15.08 -4.91 -12.52
C LYS A 78 -13.81 -5.68 -12.22
N ALA A 79 -12.65 -5.10 -12.54
CA ALA A 79 -11.38 -5.72 -12.18
C ALA A 79 -11.28 -5.91 -10.68
N LEU A 80 -11.59 -4.85 -9.91
CA LEU A 80 -11.56 -4.96 -8.45
C LEU A 80 -12.50 -6.05 -7.95
N ASN A 81 -13.69 -6.15 -8.55
CA ASN A 81 -14.64 -7.19 -8.16
C ASN A 81 -14.05 -8.58 -8.39
N GLU A 82 -13.44 -8.78 -9.56
CA GLU A 82 -12.88 -10.10 -9.86
C GLU A 82 -11.68 -10.39 -8.97
N ILE A 83 -10.87 -9.39 -8.65
CA ILE A 83 -9.71 -9.61 -7.78
C ILE A 83 -10.19 -10.06 -6.39
N PHE A 84 -11.19 -9.37 -5.85
CA PHE A 84 -11.70 -9.76 -4.54
C PHE A 84 -12.31 -11.16 -4.56
N ALA A 85 -13.10 -11.47 -5.60
CA ALA A 85 -13.69 -12.80 -5.68
C ALA A 85 -12.61 -13.88 -5.75
N ASN A 86 -11.57 -13.65 -6.56
CA ASN A 86 -10.50 -14.63 -6.70
C ASN A 86 -9.72 -14.78 -5.41
N ALA A 87 -9.51 -13.68 -4.68
CA ALA A 87 -8.86 -13.79 -3.37
C ALA A 87 -9.70 -14.62 -2.42
N ARG A 88 -11.02 -14.44 -2.44
CA ARG A 88 -11.87 -15.19 -1.51
C ARG A 88 -12.02 -16.65 -1.90
N LYS A 89 -11.73 -16.99 -3.15
CA LYS A 89 -11.57 -18.41 -3.49
C LYS A 89 -10.48 -19.06 -2.65
N ILE A 90 -9.47 -18.28 -2.23
CA ILE A 90 -8.40 -18.78 -1.38
C ILE A 90 -8.73 -18.60 0.09
N CYS A 91 -9.15 -17.41 0.49
CA CYS A 91 -9.23 -17.08 1.91
C CYS A 91 -10.65 -17.06 2.45
N GLY A 92 -11.64 -17.36 1.62
CA GLY A 92 -13.01 -17.40 2.12
C GLY A 92 -13.42 -16.06 2.68
N ASN A 93 -14.12 -16.10 3.81
CA ASN A 93 -14.59 -14.88 4.46
C ASN A 93 -13.59 -14.32 5.47
N ASN A 94 -12.34 -14.77 5.44
CA ASN A 94 -11.31 -14.15 6.25
C ASN A 94 -11.18 -12.67 5.88
N PRO A 95 -10.94 -11.79 6.83
CA PRO A 95 -10.88 -10.35 6.53
C PRO A 95 -9.85 -10.03 5.44
N LEU A 96 -10.25 -9.14 4.55
CA LEU A 96 -9.42 -8.60 3.49
C LEU A 96 -9.57 -7.09 3.48
N GLY A 97 -8.46 -6.39 3.27
CA GLY A 97 -8.49 -4.95 3.14
C GLY A 97 -8.37 -4.52 1.69
N ALA A 98 -8.76 -3.27 1.44
CA ALA A 98 -8.57 -2.61 0.16
C ALA A 98 -7.84 -1.30 0.42
N ASN A 99 -6.74 -1.11 -0.29
CA ASN A 99 -5.89 0.07 -0.14
C ASN A 99 -6.13 0.99 -1.32
N ILE A 100 -6.46 2.24 -1.04
CA ILE A 100 -6.67 3.23 -2.09
C ILE A 100 -6.18 4.58 -1.59
N LEU A 101 -5.30 5.23 -2.36
CA LEU A 101 -4.70 6.48 -1.93
C LEU A 101 -5.70 7.63 -2.06
N TYR A 102 -5.42 8.69 -1.31
CA TYR A 102 -6.37 9.79 -1.18
C TYR A 102 -6.32 10.75 -2.37
N ALA A 103 -5.14 10.93 -2.98
CA ALA A 103 -4.91 12.00 -3.96
C ALA A 103 -5.40 11.65 -5.37
N ILE A 104 -6.59 11.08 -5.50
CA ILE A 104 -7.07 10.66 -6.81
C ILE A 104 -8.36 11.38 -7.14
N ASN A 105 -8.52 11.70 -8.42
CA ASN A 105 -9.84 11.91 -8.99
C ASN A 105 -10.69 10.69 -8.70
N ASP A 106 -11.87 10.91 -8.11
CA ASP A 106 -12.89 9.89 -7.82
C ASP A 106 -12.56 9.05 -6.60
N TYR A 107 -12.07 9.68 -5.51
CA TYR A 107 -11.72 8.89 -4.33
C TYR A 107 -12.94 8.17 -3.78
N GLY A 108 -14.05 8.88 -3.63
CA GLY A 108 -15.25 8.25 -3.10
C GLY A 108 -15.75 7.14 -3.97
N ARG A 109 -15.66 7.30 -5.30
CA ARG A 109 -16.06 6.24 -6.22
C ARG A 109 -15.26 4.97 -5.97
N VAL A 110 -13.95 5.09 -5.78
CA VAL A 110 -13.12 3.90 -5.63
C VAL A 110 -13.31 3.28 -4.25
N LEU A 111 -13.51 4.12 -3.22
CA LEU A 111 -13.81 3.59 -1.90
C LEU A 111 -15.10 2.77 -1.92
N ARG A 112 -16.16 3.34 -2.50
CA ARG A 112 -17.41 2.59 -2.57
C ARG A 112 -17.30 1.36 -3.46
N ASP A 113 -16.50 1.43 -4.53
CA ASP A 113 -16.21 0.25 -5.34
C ASP A 113 -15.59 -0.85 -4.49
N SER A 114 -14.62 -0.49 -3.66
CA SER A 114 -13.97 -1.46 -2.79
C SER A 114 -14.98 -2.05 -1.81
N CYS A 115 -15.83 -1.22 -1.22
CA CYS A 115 -16.87 -1.76 -0.34
C CYS A 115 -17.78 -2.74 -1.07
N GLU A 116 -18.26 -2.35 -2.25
CA GLU A 116 -19.16 -3.24 -2.99
C GLU A 116 -18.45 -4.49 -3.49
N ALA A 117 -17.13 -4.44 -3.62
CA ALA A 117 -16.35 -5.61 -4.01
C ALA A 117 -16.18 -6.61 -2.88
N GLY A 118 -16.48 -6.21 -1.64
CA GLY A 118 -16.38 -7.10 -0.51
C GLY A 118 -15.27 -6.80 0.48
N ALA A 119 -14.65 -5.61 0.41
CA ALA A 119 -13.62 -5.27 1.37
C ALA A 119 -14.22 -5.13 2.76
N ASN A 120 -13.49 -5.64 3.76
CA ASN A 120 -13.88 -5.47 5.15
C ASN A 120 -13.23 -4.27 5.80
N ILE A 121 -12.16 -3.76 5.21
CA ILE A 121 -11.37 -2.66 5.74
C ILE A 121 -10.88 -1.83 4.56
N ILE A 122 -10.97 -0.51 4.68
CA ILE A 122 -10.39 0.42 3.72
C ILE A 122 -9.18 1.08 4.38
N ILE A 123 -8.06 1.12 3.65
CA ILE A 123 -6.82 1.74 4.11
C ILE A 123 -6.47 2.84 3.13
N THR A 124 -6.23 4.05 3.64
CA THR A 124 -5.96 5.17 2.74
C THR A 124 -4.82 6.06 3.25
N GLY A 125 -3.83 6.28 2.40
CA GLY A 125 -2.75 7.20 2.67
C GLY A 125 -2.57 8.19 1.53
N ALA A 126 -1.33 8.65 1.37
CA ALA A 126 -0.97 9.61 0.34
C ALA A 126 -1.85 10.86 0.43
N GLY A 127 -2.05 11.34 1.64
CA GLY A 127 -2.88 12.50 1.88
C GLY A 127 -3.51 12.41 3.25
N LEU A 128 -4.42 13.35 3.51
CA LEU A 128 -5.12 13.45 4.79
C LEU A 128 -6.59 13.13 4.55
N PRO A 129 -7.01 11.88 4.72
CA PRO A 129 -8.38 11.47 4.35
C PRO A 129 -9.43 11.78 5.41
N THR A 130 -9.85 13.04 5.43
CA THR A 130 -10.76 13.52 6.46
C THR A 130 -12.22 13.16 6.18
N ASN A 131 -12.52 12.41 5.12
CA ASN A 131 -13.91 12.20 4.76
C ASN A 131 -14.21 10.77 4.28
N MET A 132 -13.47 9.78 4.79
CA MET A 132 -13.78 8.39 4.44
C MET A 132 -15.20 7.98 4.79
N PRO A 133 -15.74 8.30 5.98
CA PRO A 133 -17.11 7.83 6.28
C PRO A 133 -18.17 8.43 5.39
N GLU A 134 -17.90 9.56 4.73
CA GLU A 134 -18.89 10.13 3.81
C GLU A 134 -19.24 9.15 2.71
N PHE A 135 -18.25 8.42 2.22
CA PHE A 135 -18.46 7.43 1.17
C PHE A 135 -18.70 6.03 1.73
N ALA A 136 -18.36 5.78 3.00
CA ALA A 136 -18.58 4.45 3.55
C ALA A 136 -19.94 4.28 4.23
N LYS A 137 -20.82 5.28 4.23
CA LYS A 137 -21.97 5.22 5.13
C LYS A 137 -22.94 4.10 4.76
N ASP A 138 -22.99 3.68 3.50
CA ASP A 138 -23.87 2.57 3.13
C ASP A 138 -23.31 1.21 3.50
N PHE A 139 -22.11 1.14 4.07
CA PHE A 139 -21.44 -0.11 4.41
C PHE A 139 -20.97 -0.01 5.86
N SER A 140 -21.90 -0.26 6.79
CA SER A 140 -21.68 0.07 8.20
C SER A 140 -20.53 -0.71 8.80
N ASP A 141 -20.26 -1.93 8.31
CA ASP A 141 -19.29 -2.79 8.95
C ASP A 141 -17.87 -2.60 8.45
N VAL A 142 -17.66 -1.89 7.35
CA VAL A 142 -16.32 -1.72 6.80
C VAL A 142 -15.53 -0.81 7.72
N ALA A 143 -14.39 -1.30 8.21
CA ALA A 143 -13.52 -0.51 9.05
C ALA A 143 -12.70 0.45 8.20
N LEU A 144 -12.35 1.60 8.77
CA LEU A 144 -11.68 2.67 8.03
C LEU A 144 -10.37 3.03 8.72
N ILE A 145 -9.27 2.99 7.98
CA ILE A 145 -7.92 3.13 8.51
C ILE A 145 -7.13 4.15 7.72
N PRO A 146 -6.91 5.35 8.25
CA PRO A 146 -5.96 6.27 7.63
C PRO A 146 -4.52 5.87 7.93
N ILE A 147 -3.66 6.16 6.97
CA ILE A 147 -2.21 6.11 7.15
C ILE A 147 -1.72 7.52 7.38
N ILE A 148 -0.90 7.69 8.40
CA ILE A 148 -0.43 8.99 8.87
C ILE A 148 1.08 8.92 9.03
N SER A 149 1.67 10.11 9.18
CA SER A 149 3.10 10.27 9.40
C SER A 149 3.42 10.93 10.73
N SER A 150 2.41 11.29 11.52
CA SER A 150 2.62 12.14 12.67
C SER A 150 1.40 12.05 13.59
N ALA A 151 1.64 12.32 14.89
CA ALA A 151 0.55 12.39 15.84
C ALA A 151 -0.40 13.55 15.53
N LYS A 152 0.13 14.63 14.97
CA LYS A 152 -0.72 15.77 14.61
C LYS A 152 -1.81 15.36 13.63
N ALA A 153 -1.45 14.55 12.63
CA ALA A 153 -2.44 14.07 11.67
C ALA A 153 -3.49 13.20 12.35
N LEU A 154 -3.07 12.38 13.31
CA LEU A 154 -4.03 11.59 14.08
C LEU A 154 -5.05 12.50 14.76
N LYS A 155 -4.57 13.51 15.47
CA LYS A 155 -5.48 14.39 16.20
C LYS A 155 -6.43 15.11 15.25
N ILE A 156 -5.89 15.63 14.14
CA ILE A 156 -6.72 16.35 13.18
C ILE A 156 -7.79 15.42 12.60
N LEU A 157 -7.39 14.22 12.17
CA LEU A 157 -8.33 13.29 11.57
C LEU A 157 -9.44 12.90 12.55
N CYS A 158 -9.07 12.55 13.80
CA CYS A 158 -10.10 12.23 14.79
C CYS A 158 -11.05 13.38 15.02
N LYS A 159 -10.53 14.61 15.14
CA LYS A 159 -11.44 15.72 15.41
C LYS A 159 -12.39 15.96 14.24
N ARG A 160 -11.87 15.97 13.02
CA ARG A 160 -12.73 16.20 11.85
C ARG A 160 -13.78 15.11 11.72
N TRP A 161 -13.36 13.85 11.82
CA TRP A 161 -14.29 12.74 11.70
C TRP A 161 -15.36 12.78 12.78
N SER A 162 -14.94 13.00 14.03
CA SER A 162 -15.90 13.04 15.12
C SER A 162 -16.91 14.16 14.94
N ASP A 163 -16.42 15.36 14.61
CA ASP A 163 -17.31 16.51 14.46
C ASP A 163 -18.30 16.31 13.32
N ARG A 164 -17.85 15.72 12.20
CA ARG A 164 -18.70 15.66 11.02
C ARG A 164 -19.58 14.40 10.95
N TYR A 165 -19.06 13.25 11.36
CA TYR A 165 -19.75 11.98 11.19
C TYR A 165 -20.13 11.29 12.48
N LYS A 166 -19.72 11.81 13.63
CA LYS A 166 -19.90 11.11 14.91
C LYS A 166 -19.24 9.74 14.88
N ARG A 167 -18.10 9.65 14.18
CA ARG A 167 -17.33 8.43 14.07
C ARG A 167 -15.85 8.78 14.05
N ILE A 168 -15.03 7.91 14.61
CA ILE A 168 -13.58 8.09 14.58
C ILE A 168 -12.99 6.87 13.87
N PRO A 169 -11.73 6.95 13.43
CA PRO A 169 -11.14 5.81 12.72
C PRO A 169 -11.07 4.56 13.58
N ASP A 170 -11.14 3.42 12.90
CA ASP A 170 -11.06 2.12 13.57
C ASP A 170 -9.63 1.72 13.89
N ALA A 171 -8.66 2.35 13.23
CA ALA A 171 -7.25 2.12 13.49
C ALA A 171 -6.47 3.19 12.74
N PHE A 172 -5.21 3.36 13.12
CA PHE A 172 -4.30 4.23 12.39
C PHE A 172 -3.06 3.43 12.03
N ILE A 173 -2.57 3.60 10.81
CA ILE A 173 -1.26 3.08 10.42
C ILE A 173 -0.30 4.26 10.38
N VAL A 174 0.74 4.22 11.21
CA VAL A 174 1.79 5.23 11.15
C VAL A 174 2.94 4.65 10.32
N GLU A 175 3.30 5.34 9.25
CA GLU A 175 4.30 4.82 8.33
C GLU A 175 5.57 5.66 8.38
N GLY A 176 6.71 5.00 8.55
CA GLY A 176 7.98 5.67 8.66
C GLY A 176 8.72 5.75 7.35
N PRO A 177 9.87 6.44 7.34
CA PRO A 177 10.54 6.77 6.08
C PRO A 177 11.40 5.66 5.50
N LEU A 178 11.36 4.45 6.06
CA LEU A 178 12.01 3.30 5.46
C LEU A 178 11.08 2.47 4.59
N SER A 179 9.84 2.92 4.41
CA SER A 179 8.81 2.13 3.76
C SER A 179 9.03 2.10 2.25
N GLY A 180 8.28 1.22 1.60
CA GLY A 180 8.22 1.20 0.16
C GLY A 180 7.24 2.22 -0.38
N GLY A 181 7.27 2.39 -1.70
CA GLY A 181 6.35 3.33 -2.32
C GLY A 181 6.69 4.75 -1.93
N HIS A 182 5.67 5.55 -1.70
CA HIS A 182 5.86 6.95 -1.36
C HIS A 182 6.03 7.13 0.14
N GLN A 183 6.70 8.23 0.51
CA GLN A 183 7.00 8.56 1.89
C GLN A 183 6.22 9.79 2.32
N GLY A 184 5.68 9.75 3.53
CA GLY A 184 4.98 10.91 4.08
C GLY A 184 5.93 11.93 4.70
N PHE A 185 7.11 12.08 4.12
CA PHE A 185 8.12 12.99 4.63
C PHE A 185 8.84 13.65 3.45
N LYS A 186 9.24 14.90 3.65
CA LYS A 186 10.15 15.54 2.72
C LYS A 186 11.44 14.73 2.62
N TYR A 187 12.09 14.81 1.46
CA TYR A 187 13.27 13.98 1.21
C TYR A 187 14.33 14.18 2.30
N GLU A 188 14.59 15.42 2.70
CA GLU A 188 15.58 15.68 3.73
C GLU A 188 15.17 15.07 5.07
N ASP A 189 13.87 15.02 5.35
CA ASP A 189 13.39 14.49 6.62
C ASP A 189 13.48 12.96 6.69
N CYS A 190 13.59 12.29 5.54
CA CYS A 190 13.58 10.85 5.49
C CYS A 190 14.81 10.26 6.17
N PHE A 191 15.88 11.03 6.29
CA PHE A 191 17.15 10.58 6.84
C PHE A 191 17.38 11.06 8.27
N LYS A 192 16.43 11.80 8.86
CA LYS A 192 16.61 12.35 10.19
C LYS A 192 16.07 11.39 11.25
N GLU A 193 16.80 11.29 12.38
CA GLU A 193 16.45 10.33 13.41
C GLU A 193 15.13 10.67 14.09
N GLU A 194 14.73 11.94 14.07
CA GLU A 194 13.49 12.36 14.72
C GLU A 194 12.28 11.66 14.11
N PHE A 195 12.38 11.21 12.86
CA PHE A 195 11.26 10.61 12.17
C PHE A 195 11.40 9.10 12.03
N ARG A 196 12.36 8.48 12.73
CA ARG A 196 12.45 7.04 12.76
C ARG A 196 11.16 6.46 13.35
N LEU A 197 10.74 5.32 12.82
CA LEU A 197 9.47 4.72 13.23
C LEU A 197 9.42 4.49 14.73
N GLU A 198 10.56 4.10 15.33
CA GLU A 198 10.62 3.91 16.78
C GLU A 198 10.35 5.19 17.54
N ASN A 199 10.54 6.35 16.92
CA ASN A 199 10.23 7.62 17.57
C ASN A 199 8.83 8.10 17.24
N LEU A 200 8.29 7.72 16.09
CA LEU A 200 6.93 8.11 15.73
C LEU A 200 5.88 7.33 16.51
N VAL A 201 6.10 6.02 16.68
CA VAL A 201 5.06 5.17 17.27
C VAL A 201 4.68 5.61 18.68
N PRO A 202 5.61 5.84 19.61
CA PRO A 202 5.20 6.32 20.94
C PRO A 202 4.38 7.59 20.92
N LYS A 203 4.74 8.55 20.04
CA LYS A 203 3.99 9.81 19.97
C LYS A 203 2.58 9.58 19.46
N VAL A 204 2.43 8.74 18.44
CA VAL A 204 1.09 8.45 17.90
C VAL A 204 0.26 7.70 18.92
N VAL A 205 0.85 6.77 19.68
CA VAL A 205 0.10 6.02 20.68
C VAL A 205 -0.37 6.95 21.80
N GLU A 206 0.51 7.84 22.26
CA GLU A 206 0.13 8.81 23.28
C GLU A 206 -1.00 9.70 22.78
N ALA A 207 -0.90 10.20 21.55
CA ALA A 207 -1.99 11.00 20.98
C ALA A 207 -3.28 10.18 20.89
N SER A 208 -3.16 8.89 20.56
CA SER A 208 -4.32 8.01 20.44
C SER A 208 -5.05 7.88 21.77
N LYS A 209 -4.31 7.90 22.87
CA LYS A 209 -4.90 7.83 24.21
C LYS A 209 -6.14 8.70 24.38
N GLU A 210 -6.07 9.93 23.86
CA GLU A 210 -7.15 10.90 24.07
C GLU A 210 -8.46 10.48 23.41
N TRP A 211 -8.41 9.63 22.39
CA TRP A 211 -9.60 9.21 21.67
C TRP A 211 -9.95 7.75 21.91
N GLY A 212 -9.51 7.18 23.03
CA GLY A 212 -9.94 5.85 23.41
C GLY A 212 -9.03 4.73 23.00
N ASN A 213 -7.73 5.00 22.82
CA ASN A 213 -6.74 4.00 22.44
C ASN A 213 -7.15 3.26 21.17
N ILE A 214 -7.39 4.05 20.12
CA ILE A 214 -7.52 3.49 18.78
C ILE A 214 -6.28 2.67 18.46
N PRO A 215 -6.42 1.45 17.92
CA PRO A 215 -5.22 0.63 17.67
C PRO A 215 -4.29 1.30 16.67
N ILE A 216 -2.99 1.16 16.92
CA ILE A 216 -1.94 1.73 16.08
C ILE A 216 -1.16 0.58 15.43
N ILE A 217 -0.93 0.72 14.14
CA ILE A 217 -0.22 -0.24 13.31
C ILE A 217 1.05 0.44 12.80
N ALA A 218 2.21 -0.08 13.19
CA ALA A 218 3.48 0.49 12.77
C ALA A 218 3.89 -0.08 11.42
N ALA A 219 4.38 0.78 10.52
CA ALA A 219 4.77 0.33 9.19
C ALA A 219 6.02 1.06 8.74
N GLY A 220 6.92 0.33 8.08
CA GLY A 220 8.11 0.91 7.48
C GLY A 220 9.41 0.42 8.09
N GLY A 221 10.08 -0.51 7.41
CA GLY A 221 11.34 -1.04 7.88
C GLY A 221 11.24 -2.22 8.82
N ILE A 222 10.04 -2.71 9.07
CA ILE A 222 9.85 -3.88 9.94
C ILE A 222 10.18 -5.13 9.13
N TRP A 223 11.19 -5.88 9.57
CA TRP A 223 11.72 -7.00 8.82
C TRP A 223 11.32 -8.36 9.39
N ASP A 224 11.49 -8.56 10.70
CA ASP A 224 11.34 -9.87 11.29
C ASP A 224 10.61 -9.75 12.63
N ARG A 225 10.50 -10.89 13.32
CA ARG A 225 9.76 -10.93 14.59
C ARG A 225 10.38 -10.01 15.62
N LYS A 226 11.70 -9.82 15.60
CA LYS A 226 12.32 -8.89 16.55
C LYS A 226 11.82 -7.47 16.36
N ASP A 227 11.72 -7.01 15.11
CA ASP A 227 11.19 -5.68 14.83
C ASP A 227 9.71 -5.58 15.22
N ILE A 228 8.95 -6.65 14.98
CA ILE A 228 7.55 -6.68 15.40
C ILE A 228 7.46 -6.50 16.91
N ASP A 229 8.26 -7.25 17.65
CA ASP A 229 8.21 -7.18 19.11
C ASP A 229 8.63 -5.80 19.61
N THR A 230 9.62 -5.18 18.95
CA THR A 230 9.98 -3.81 19.30
C THR A 230 8.79 -2.87 19.14
N MET A 231 8.14 -2.92 17.96
CA MET A 231 7.02 -2.02 17.72
C MET A 231 5.88 -2.27 18.70
N LEU A 232 5.60 -3.55 19.00
CA LEU A 232 4.54 -3.87 19.96
C LEU A 232 4.90 -3.35 21.35
N SER A 233 6.17 -3.46 21.74
CA SER A 233 6.59 -2.94 23.04
C SER A 233 6.57 -1.43 23.10
N LEU A 234 6.58 -0.76 21.95
CA LEU A 234 6.45 0.70 21.95
C LEU A 234 5.00 1.17 22.00
N GLY A 235 4.03 0.27 22.08
CA GLY A 235 2.63 0.64 22.18
C GLY A 235 1.79 0.33 20.96
N ALA A 236 2.41 -0.02 19.83
CA ALA A 236 1.65 -0.41 18.66
C ALA A 236 0.83 -1.66 18.95
N SER A 237 -0.39 -1.69 18.41
CA SER A 237 -1.22 -2.89 18.49
C SER A 237 -0.94 -3.86 17.35
N GLY A 238 -0.33 -3.40 16.27
CA GLY A 238 0.03 -4.32 15.21
C GLY A 238 1.08 -3.73 14.30
N VAL A 239 1.41 -4.49 13.26
CA VAL A 239 2.39 -4.05 12.27
C VAL A 239 1.82 -4.25 10.87
N GLN A 240 2.26 -3.40 9.95
CA GLN A 240 2.03 -3.57 8.52
C GLN A 240 3.37 -3.73 7.84
N MET A 241 3.51 -4.79 7.06
CA MET A 241 4.75 -5.11 6.38
C MET A 241 4.46 -5.35 4.90
N ALA A 242 5.38 -4.93 4.04
CA ALA A 242 5.18 -5.11 2.62
C ALA A 242 6.37 -5.73 1.91
N THR A 243 7.59 -5.26 2.20
CA THR A 243 8.76 -5.73 1.46
C THR A 243 8.96 -7.23 1.65
N ARG A 244 8.71 -7.75 2.86
CA ARG A 244 8.79 -9.20 3.07
C ARG A 244 7.85 -9.94 2.13
N PHE A 245 6.64 -9.40 1.92
CA PHE A 245 5.66 -10.04 1.04
C PHE A 245 5.97 -9.79 -0.43
N LEU A 246 6.60 -8.65 -0.74
CA LEU A 246 7.11 -8.43 -2.08
C LEU A 246 8.05 -9.55 -2.52
N GLY A 247 8.71 -10.20 -1.55
CA GLY A 247 9.60 -11.29 -1.85
C GLY A 247 9.02 -12.67 -1.61
N THR A 248 7.70 -12.83 -1.81
CA THR A 248 7.08 -14.14 -1.72
C THR A 248 6.62 -14.60 -3.09
N LYS A 249 6.49 -15.92 -3.23
CA LYS A 249 6.10 -16.50 -4.51
C LYS A 249 4.72 -16.04 -4.95
N GLU A 250 3.85 -15.71 -3.99
CA GLU A 250 2.46 -15.38 -4.30
C GLU A 250 2.27 -13.93 -4.72
N CYS A 251 3.32 -13.11 -4.67
CA CYS A 251 3.27 -11.76 -5.21
C CYS A 251 2.69 -11.76 -6.63
N ASP A 252 1.74 -10.87 -6.87
CA ASP A 252 1.04 -10.83 -8.15
C ASP A 252 1.84 -10.16 -9.26
N ALA A 253 2.91 -9.43 -8.92
CA ALA A 253 3.83 -8.89 -9.91
C ALA A 253 5.04 -9.82 -9.93
N LYS A 254 5.03 -10.78 -10.86
CA LYS A 254 6.00 -11.87 -10.87
C LYS A 254 7.42 -11.38 -11.08
N VAL A 255 7.59 -10.19 -11.69
CA VAL A 255 8.93 -9.67 -11.97
C VAL A 255 9.76 -9.60 -10.69
N TYR A 256 9.13 -9.27 -9.57
CA TYR A 256 9.90 -9.07 -8.34
C TYR A 256 10.60 -10.34 -7.93
N ALA A 257 10.00 -11.51 -8.20
CA ALA A 257 10.64 -12.77 -7.84
C ALA A 257 12.00 -12.95 -8.50
N ASP A 258 12.23 -12.28 -9.64
CA ASP A 258 13.53 -12.33 -10.29
C ASP A 258 14.39 -11.11 -10.00
N LEU A 259 13.79 -10.00 -9.58
CA LEU A 259 14.56 -8.78 -9.40
C LEU A 259 15.14 -8.69 -8.00
N LEU A 260 14.37 -9.12 -6.99
CA LEU A 260 14.77 -8.91 -5.60
C LEU A 260 16.00 -9.71 -5.19
N PRO A 261 16.12 -11.01 -5.51
CA PRO A 261 17.32 -11.74 -5.06
C PRO A 261 18.63 -11.16 -5.57
N THR A 262 18.61 -10.35 -6.63
CA THR A 262 19.82 -9.68 -7.12
C THR A 262 19.97 -8.26 -6.60
N LEU A 263 18.98 -7.74 -5.87
CA LEU A 263 18.94 -6.32 -5.54
C LEU A 263 20.03 -5.95 -4.55
N LYS A 264 20.83 -4.95 -4.91
CA LYS A 264 21.88 -4.41 -4.05
C LYS A 264 21.41 -3.12 -3.40
N LYS A 265 21.93 -2.86 -2.19
CA LYS A 265 21.49 -1.71 -1.41
C LYS A 265 21.74 -0.40 -2.14
N GLU A 266 22.88 -0.28 -2.79
CA GLU A 266 23.20 0.96 -3.49
C GLU A 266 22.29 1.22 -4.69
N ASP A 267 21.46 0.26 -5.08
CA ASP A 267 20.53 0.43 -6.19
C ASP A 267 19.12 0.75 -5.72
N ILE A 268 18.95 1.10 -4.45
CA ILE A 268 17.70 1.61 -3.89
C ILE A 268 17.86 3.10 -3.65
N LEU A 269 16.87 3.89 -4.06
CA LEU A 269 17.01 5.34 -3.87
C LEU A 269 15.64 6.00 -3.82
N LEU A 270 15.61 7.17 -3.21
CA LEU A 270 14.44 8.03 -3.21
C LEU A 270 14.46 8.91 -4.44
N ILE A 271 13.32 8.98 -5.14
CA ILE A 271 13.18 9.77 -6.36
C ILE A 271 11.95 10.65 -6.22
N LYS A 272 11.84 11.60 -7.13
CA LYS A 272 10.64 12.40 -7.25
C LYS A 272 9.52 11.60 -7.92
N SER A 273 8.29 12.07 -7.71
CA SER A 273 7.10 11.37 -8.14
C SER A 273 6.06 12.35 -8.61
N PRO A 274 5.29 12.02 -9.65
CA PRO A 274 4.16 12.87 -10.02
C PRO A 274 3.11 12.96 -8.93
N VAL A 275 3.11 12.01 -7.97
CA VAL A 275 2.16 12.06 -6.87
C VAL A 275 2.48 13.21 -5.90
N GLY A 276 3.72 13.66 -5.85
CA GLY A 276 4.07 14.76 -4.97
C GLY A 276 4.68 14.36 -3.64
N TYR A 277 5.05 13.09 -3.48
CA TYR A 277 5.84 12.61 -2.34
C TYR A 277 7.07 11.90 -2.87
N PRO A 278 8.16 11.87 -2.09
CA PRO A 278 9.29 11.02 -2.48
C PRO A 278 8.87 9.56 -2.56
N ALA A 279 9.37 8.87 -3.58
CA ALA A 279 9.09 7.45 -3.76
C ALA A 279 10.40 6.66 -3.71
N ARG A 280 10.37 5.52 -3.02
CA ARG A 280 11.57 4.67 -2.91
C ARG A 280 11.52 3.63 -4.02
N ALA A 281 12.46 3.73 -4.95
CA ALA A 281 12.47 2.90 -6.14
C ALA A 281 13.79 2.13 -6.24
N ILE A 282 13.78 1.16 -7.13
CA ILE A 282 14.97 0.44 -7.56
C ILE A 282 15.51 1.15 -8.78
N ASN A 283 16.84 1.34 -8.83
CA ASN A 283 17.50 2.04 -9.92
C ASN A 283 17.59 1.10 -11.11
N THR A 284 16.46 0.93 -11.79
CA THR A 284 16.37 0.03 -12.93
C THR A 284 15.15 0.42 -13.74
N GLY A 285 15.05 -0.14 -14.94
CA GLY A 285 13.89 0.11 -15.78
C GLY A 285 13.83 1.57 -16.24
N VAL A 286 12.63 2.15 -16.13
CA VAL A 286 12.40 3.50 -16.66
C VAL A 286 13.40 4.49 -16.09
N ILE A 287 13.76 4.34 -14.81
CA ILE A 287 14.74 5.23 -14.21
C ILE A 287 16.01 5.24 -15.06
N LYS A 288 16.59 4.04 -15.25
CA LYS A 288 17.77 3.93 -16.11
C LYS A 288 17.51 4.53 -17.48
N ARG A 289 16.34 4.26 -18.07
CA ARG A 289 16.05 4.77 -19.40
C ARG A 289 16.11 6.29 -19.40
N ILE A 290 15.55 6.92 -18.36
CA ILE A 290 15.57 8.38 -18.28
C ILE A 290 17.01 8.88 -18.29
N GLU A 291 17.89 8.19 -17.56
CA GLU A 291 19.25 8.67 -17.49
C GLU A 291 20.02 8.44 -18.77
N GLU A 292 19.55 7.53 -19.63
CA GLU A 292 20.20 7.33 -20.91
C GLU A 292 19.70 8.26 -21.99
N GLY A 293 18.62 8.99 -21.72
CA GLY A 293 18.00 9.80 -22.75
C GLY A 293 17.00 9.06 -23.61
N ASN A 294 16.51 7.90 -23.16
CA ASN A 294 15.45 7.22 -23.89
CA ASN A 294 15.50 7.11 -23.83
C ASN A 294 14.25 7.00 -22.98
N ALA A 295 13.85 8.07 -22.31
CA ALA A 295 12.67 8.02 -21.47
C ALA A 295 11.45 7.73 -22.34
N PRO A 296 10.52 6.88 -21.87
CA PRO A 296 9.27 6.71 -22.61
C PRO A 296 8.56 8.05 -22.82
N LYS A 297 7.82 8.15 -23.91
CA LYS A 297 7.05 9.35 -24.16
C LYS A 297 5.95 9.48 -23.12
N ILE A 298 5.66 10.70 -22.73
CA ILE A 298 4.69 11.01 -21.68
C ILE A 298 3.50 11.70 -22.30
N ALA A 299 2.32 11.13 -22.10
CA ALA A 299 1.08 11.77 -22.55
C ALA A 299 -0.04 11.12 -21.75
N CYS A 300 -0.69 11.91 -20.90
CA CYS A 300 -1.57 11.34 -19.88
C CYS A 300 -2.76 10.64 -20.51
N VAL A 301 -2.89 9.34 -20.23
CA VAL A 301 -4.01 8.53 -20.68
C VAL A 301 -4.89 8.09 -19.50
N SER A 302 -4.27 7.54 -18.46
CA SER A 302 -5.03 6.98 -17.34
C SER A 302 -5.44 8.02 -16.30
N ASN A 303 -4.84 9.20 -16.31
CA ASN A 303 -5.20 10.27 -15.38
C ASN A 303 -5.20 9.75 -13.95
N CYS A 304 -4.05 9.25 -13.51
CA CYS A 304 -4.11 8.40 -12.34
C CYS A 304 -4.12 9.17 -11.02
N VAL A 305 -3.51 10.37 -10.95
CA VAL A 305 -3.51 11.13 -9.70
C VAL A 305 -3.80 12.60 -9.96
N ALA A 306 -4.49 13.21 -8.98
CA ALA A 306 -4.84 14.64 -9.11
C ALA A 306 -3.63 15.56 -9.05
N PRO A 307 -2.65 15.37 -8.15
CA PRO A 307 -1.53 16.33 -8.09
C PRO A 307 -0.75 16.48 -9.38
N CYS A 308 -0.76 15.48 -10.27
CA CYS A 308 0.00 15.56 -11.51
C CYS A 308 -0.59 16.55 -12.50
N ASN A 309 -1.89 16.80 -12.44
CA ASN A 309 -2.59 17.65 -13.40
C ASN A 309 -2.38 17.13 -14.82
N ARG A 310 -2.73 15.86 -15.04
CA ARG A 310 -2.86 15.29 -16.37
C ARG A 310 -1.55 15.37 -17.16
N GLY A 311 -0.43 15.13 -16.48
CA GLY A 311 0.85 15.07 -17.14
C GLY A 311 1.82 16.19 -16.81
N GLU A 312 1.36 17.27 -16.18
CA GLU A 312 2.25 18.40 -15.91
C GLU A 312 3.43 17.96 -15.03
N GLU A 313 3.13 17.36 -13.88
CA GLU A 313 4.19 16.97 -12.97
C GLU A 313 4.92 15.74 -13.47
N ALA A 314 4.24 14.85 -14.20
CA ALA A 314 4.92 13.73 -14.82
C ALA A 314 5.99 14.21 -15.78
N LYS A 315 5.64 15.18 -16.64
CA LYS A 315 6.63 15.73 -17.56
C LYS A 315 7.76 16.40 -16.80
N LYS A 316 7.45 17.09 -15.69
CA LYS A 316 8.51 17.74 -14.91
C LYS A 316 9.46 16.71 -14.29
N VAL A 317 8.92 15.69 -13.63
CA VAL A 317 9.77 14.70 -12.96
C VAL A 317 10.37 13.70 -13.94
N GLY A 318 9.78 13.54 -15.13
CA GLY A 318 10.38 12.76 -16.20
C GLY A 318 9.73 11.42 -16.46
N TYR A 319 8.73 11.01 -15.69
CA TYR A 319 8.08 9.74 -15.93
C TYR A 319 6.64 9.79 -15.46
N CYS A 320 5.81 8.95 -16.06
CA CYS A 320 4.44 8.73 -15.64
C CYS A 320 4.39 7.50 -14.74
N ILE A 321 3.80 7.64 -13.56
CA ILE A 321 3.84 6.54 -12.60
C ILE A 321 2.88 5.44 -13.00
N ALA A 322 1.72 5.80 -13.54
CA ALA A 322 0.76 4.78 -13.99
C ALA A 322 1.37 3.94 -15.11
N ASP A 323 1.93 4.59 -16.13
CA ASP A 323 2.52 3.86 -17.24
C ASP A 323 3.61 2.91 -16.75
N GLY A 324 4.50 3.41 -15.90
CA GLY A 324 5.63 2.61 -15.46
C GLY A 324 5.22 1.43 -14.60
N LEU A 325 4.34 1.66 -13.63
CA LEU A 325 3.92 0.56 -12.78
C LEU A 325 3.09 -0.46 -13.55
N GLY A 326 2.23 -0.01 -14.46
CA GLY A 326 1.52 -0.94 -15.31
C GLY A 326 2.45 -1.78 -16.16
N ARG A 327 3.45 -1.14 -16.76
CA ARG A 327 4.45 -1.88 -17.53
C ARG A 327 5.17 -2.90 -16.66
N SER A 328 5.44 -2.55 -15.41
CA SER A 328 6.08 -3.51 -14.51
C SER A 328 5.18 -4.73 -14.28
N TYR A 329 3.90 -4.48 -14.01
CA TYR A 329 2.98 -5.60 -13.81
C TYR A 329 2.87 -6.47 -15.05
N LEU A 330 2.88 -5.84 -16.22
CA LEU A 330 2.83 -6.58 -17.48
C LEU A 330 4.15 -7.23 -17.84
N GLY A 331 5.19 -7.04 -17.04
CA GLY A 331 6.46 -7.74 -17.25
C GLY A 331 7.53 -6.99 -18.01
N ASN A 332 7.42 -5.67 -18.13
CA ASN A 332 8.39 -4.89 -18.90
C ASN A 332 9.58 -4.55 -18.02
N ARG A 333 10.68 -5.30 -18.20
CA ARG A 333 11.90 -5.00 -17.45
C ARG A 333 12.59 -3.75 -17.97
N GLU A 334 12.45 -3.46 -19.27
CA GLU A 334 13.19 -2.34 -19.85
C GLU A 334 12.62 -1.01 -19.43
N GLU A 335 11.29 -0.91 -19.32
CA GLU A 335 10.62 0.36 -19.07
C GLU A 335 9.73 0.35 -17.83
N GLY A 336 9.68 -0.75 -17.09
CA GLY A 336 8.88 -0.78 -15.90
C GLY A 336 9.48 0.06 -14.79
N LEU A 337 8.61 0.47 -13.86
CA LEU A 337 9.01 1.18 -12.66
C LEU A 337 8.82 0.24 -11.47
N TYR A 338 9.85 0.13 -10.63
CA TYR A 338 9.85 -0.85 -9.56
C TYR A 338 10.13 -0.17 -8.23
N PHE A 339 9.28 -0.45 -7.24
CA PHE A 339 9.38 0.12 -5.91
C PHE A 339 9.87 -0.93 -4.91
N THR A 340 10.34 -0.44 -3.76
CA THR A 340 10.82 -1.32 -2.69
C THR A 340 10.94 -0.51 -1.41
N GLY A 341 10.79 -1.19 -0.29
CA GLY A 341 11.20 -0.59 0.98
C GLY A 341 12.72 -0.52 1.06
N ALA A 342 13.20 0.17 2.09
CA ALA A 342 14.64 0.27 2.28
C ALA A 342 15.29 -1.09 2.51
N ASN A 343 14.54 -2.05 3.06
CA ASN A 343 15.05 -3.38 3.36
C ASN A 343 15.09 -4.30 2.15
N GLY A 344 14.73 -3.81 0.95
CA GLY A 344 14.60 -4.69 -0.20
C GLY A 344 15.85 -5.50 -0.52
N TYR A 345 17.03 -4.93 -0.27
CA TYR A 345 18.29 -5.63 -0.56
C TYR A 345 18.49 -6.86 0.31
N ARG A 346 17.75 -6.99 1.41
CA ARG A 346 17.87 -8.13 2.31
C ARG A 346 17.12 -9.36 1.82
N VAL A 347 16.37 -9.24 0.73
CA VAL A 347 15.68 -10.38 0.14
C VAL A 347 16.70 -11.24 -0.61
N ASP A 348 16.89 -12.47 -0.15
CA ASP A 348 17.74 -13.43 -0.85
C ASP A 348 16.88 -14.51 -1.49
N LYS A 349 16.22 -15.35 -0.70
CA LYS A 349 15.36 -16.38 -1.22
C LYS A 349 13.94 -15.86 -1.40
N ILE A 350 13.26 -16.36 -2.42
CA ILE A 350 11.83 -16.11 -2.61
C ILE A 350 11.09 -17.26 -1.93
N ILE A 351 10.38 -16.95 -0.85
CA ILE A 351 9.74 -17.97 -0.03
C ILE A 351 8.22 -17.86 -0.16
N SER A 352 7.53 -18.87 0.36
CA SER A 352 6.08 -18.87 0.34
C SER A 352 5.52 -17.93 1.41
N VAL A 353 4.34 -17.38 1.13
CA VAL A 353 3.59 -16.60 2.12
C VAL A 353 3.44 -17.39 3.41
N HIS A 354 3.20 -18.70 3.29
CA HIS A 354 3.00 -19.53 4.46
C HIS A 354 4.25 -19.59 5.31
N GLU A 355 5.42 -19.85 4.69
CA GLU A 355 6.64 -19.92 5.48
C GLU A 355 7.02 -18.55 6.03
N LEU A 356 6.69 -17.47 5.31
CA LEU A 356 6.93 -16.12 5.85
C LEU A 356 6.11 -15.86 7.11
N ILE A 357 4.80 -16.16 7.06
CA ILE A 357 3.97 -15.97 8.24
C ILE A 357 4.46 -16.85 9.38
N LYS A 358 4.86 -18.10 9.07
CA LYS A 358 5.38 -18.97 10.11
C LYS A 358 6.62 -18.36 10.76
N GLU A 359 7.54 -17.82 9.94
CA GLU A 359 8.72 -17.15 10.48
C GLU A 359 8.32 -15.99 11.37
N LEU A 360 7.34 -15.19 10.96
CA LEU A 360 6.99 -13.99 11.69
C LEU A 360 6.19 -14.25 12.96
N THR A 361 5.51 -15.40 13.04
CA THR A 361 4.59 -15.64 14.14
C THR A 361 5.04 -16.73 15.10
N GLU A 362 5.93 -17.63 14.67
CA GLU A 362 6.34 -18.75 15.52
C GLU A 362 6.91 -18.25 16.84
N GLY A 363 6.38 -18.77 17.95
CA GLY A 363 6.81 -18.36 19.26
C GLY A 363 6.13 -17.10 19.76
FE1 SF4 B . -1.59 10.99 -16.05
FE2 SF4 B . 0.35 11.94 -14.44
FE3 SF4 B . 0.73 9.59 -15.73
FE4 SF4 B . -0.99 9.73 -13.72
S1 SF4 B . 1.26 10.06 -13.56
S2 SF4 B . -1.38 8.73 -15.73
S3 SF4 B . -1.88 11.81 -13.96
S4 SF4 B . 0.51 11.63 -16.68
CAA A1ELE C . -1.59 6.01 -8.89
CAB A1ELE C . 0.22 10.64 4.63
CAF A1ELE C . 2.57 9.83 1.84
CAG A1ELE C . 1.61 3.62 -6.74
CAH A1ELE C . 1.72 10.57 2.70
CAI A1ELE C . 2.75 8.45 2.08
CAJ A1ELE C . 0.89 4.47 -7.62
CAK A1ELE C . 1.54 3.85 -5.37
CAL A1ELE C . 1.25 8.54 4.00
CAM A1ELE C . 0.02 5.74 -5.73
CAT A1ELE C . 0.68 5.10 -3.47
CAU A1ELE C . 1.06 9.92 3.78
CAV A1ELE C . 2.09 7.80 3.15
CAW A1ELE C . 0.08 5.52 -7.11
CAX A1ELE C . 0.75 4.90 -4.84
CAY A1ELE C . 2.01 4.89 -1.49
CAZ A1ELE C . 1.87 5.09 0.86
NAN A1ELE C . 3.10 4.55 -0.79
NAO A1ELE C . 3.03 4.65 0.38
NAP A1ELE C . 1.85 4.82 -2.82
NAQ A1ELE C . 2.35 6.47 3.26
OAC A1ELE C . -0.39 5.48 -3.00
OAD A1ELE C . -0.04 5.84 2.47
OAE A1ELE C . 1.40 3.99 3.27
OAR A1ELE C . -0.66 6.39 -7.87
SAS A1ELE C . 0.82 5.36 -0.40
SBA A1ELE C . 1.40 5.34 2.53
N1 FMN D . 1.55 1.83 0.33
C2 FMN D . 0.27 2.27 0.02
O2 FMN D . -0.43 2.82 0.88
N3 FMN D . -0.19 2.10 -1.28
C4 FMN D . 0.63 1.50 -2.27
O4 FMN D . 0.18 1.37 -3.40
C4A FMN D . 1.92 1.06 -1.94
N5 FMN D . 2.72 0.48 -2.85
C5A FMN D . 3.88 -0.11 -2.46
C6 FMN D . 4.62 -0.89 -3.36
C7 FMN D . 5.80 -1.54 -2.95
C7M FMN D . 6.55 -2.33 -3.86
C8 FMN D . 6.23 -1.41 -1.63
C8M FMN D . 7.40 -2.07 -1.19
C9 FMN D . 5.49 -0.64 -0.74
C9A FMN D . 4.31 0.02 -1.14
N10 FMN D . 3.58 0.75 -0.27
C10 FMN D . 2.38 1.23 -0.64
C1' FMN D . 3.95 0.83 1.18
C2' FMN D . 3.60 -0.51 1.91
O2' FMN D . 2.17 -0.75 1.90
C3' FMN D . 4.10 -0.60 3.37
O3' FMN D . 3.40 0.32 4.22
C4' FMN D . 5.63 -0.37 3.54
O4' FMN D . 6.41 -0.81 2.43
C5' FMN D . 6.05 -1.14 4.80
O5' FMN D . 7.49 -1.14 4.96
P FMN D . 8.33 -2.45 4.62
O1P FMN D . 7.63 -3.55 5.35
O2P FMN D . 8.19 -2.55 3.16
O3P FMN D . 9.68 -2.17 5.14
#